data_2ONW
# 
_entry.id   2ONW 
# 
_audit_conform.dict_name       mmcif_pdbx.dic 
_audit_conform.dict_version    5.389 
_audit_conform.dict_location   http://mmcif.pdb.org/dictionaries/ascii/mmcif_pdbx.dic 
# 
loop_
_database_2.database_id 
_database_2.database_code 
_database_2.pdbx_database_accession 
_database_2.pdbx_DOI 
PDB   2ONW         pdb_00002onw 10.2210/pdb2onw/pdb 
RCSB  RCSB041368   ?            ?                   
WWPDB D_1000041368 ?            ?                   
# 
loop_
_pdbx_audit_revision_history.ordinal 
_pdbx_audit_revision_history.data_content_type 
_pdbx_audit_revision_history.major_revision 
_pdbx_audit_revision_history.minor_revision 
_pdbx_audit_revision_history.revision_date 
1 'Structure model' 1 0 2007-02-06 
2 'Structure model' 1 1 2008-05-01 
3 'Structure model' 1 2 2011-07-13 
4 'Structure model' 1 3 2017-10-18 
5 'Structure model' 1 4 2023-12-27 
6 'Structure model' 1 5 2024-04-03 
# 
_pdbx_audit_revision_details.ordinal             1 
_pdbx_audit_revision_details.revision_ordinal    1 
_pdbx_audit_revision_details.data_content_type   'Structure model' 
_pdbx_audit_revision_details.provider            repository 
_pdbx_audit_revision_details.type                'Initial release' 
_pdbx_audit_revision_details.description         ? 
_pdbx_audit_revision_details.details             ? 
# 
loop_
_pdbx_audit_revision_group.ordinal 
_pdbx_audit_revision_group.revision_ordinal 
_pdbx_audit_revision_group.data_content_type 
_pdbx_audit_revision_group.group 
1 2 'Structure model' 'Version format compliance' 
2 3 'Structure model' 'Version format compliance' 
3 4 'Structure model' 'Refinement description'    
4 5 'Structure model' 'Data collection'           
5 5 'Structure model' 'Database references'       
6 6 'Structure model' 'Refinement description'    
# 
loop_
_pdbx_audit_revision_category.ordinal 
_pdbx_audit_revision_category.revision_ordinal 
_pdbx_audit_revision_category.data_content_type 
_pdbx_audit_revision_category.category 
1 4 'Structure model' software                      
2 5 'Structure model' chem_comp_atom                
3 5 'Structure model' chem_comp_bond                
4 5 'Structure model' database_2                    
5 6 'Structure model' pdbx_initial_refinement_model 
# 
loop_
_pdbx_audit_revision_item.ordinal 
_pdbx_audit_revision_item.revision_ordinal 
_pdbx_audit_revision_item.data_content_type 
_pdbx_audit_revision_item.item 
1 5 'Structure model' '_database_2.pdbx_DOI'                
2 5 'Structure model' '_database_2.pdbx_database_accession' 
# 
_pdbx_database_status.entry_id                        2ONW 
_pdbx_database_status.deposit_site                    RCSB 
_pdbx_database_status.process_site                    RCSB 
_pdbx_database_status.recvd_initial_deposition_date   2007-01-24 
_pdbx_database_status.status_code                     REL 
_pdbx_database_status.status_code_sf                  REL 
_pdbx_database_status.status_code_mr                  ? 
_pdbx_database_status.SG_entry                        ? 
_pdbx_database_status.pdb_format_compatible           Y 
_pdbx_database_status.status_code_cs                  ? 
_pdbx_database_status.methods_development_category    ? 
_pdbx_database_status.status_code_nmr_data            ? 
# 
loop_
_audit_author.name 
_audit_author.pdbx_ordinal 
'Sambashivan, S.' 1 
'Sawaya, M.R.'    2 
'Eisenberg, D.'   3 
# 
_citation.id                        primary 
_citation.title                     'Atomic structures of amyloid cross-beta spines reveal varied steric zippers.' 
_citation.journal_abbrev            Nature 
_citation.journal_volume            447 
_citation.page_first                453 
_citation.page_last                 457 
_citation.year                      2007 
_citation.journal_id_ASTM           NATUAS 
_citation.country                   UK 
_citation.journal_id_ISSN           0028-0836 
_citation.journal_id_CSD            0006 
_citation.book_publisher            ? 
_citation.pdbx_database_id_PubMed   17468747 
_citation.pdbx_database_id_DOI      10.1038/nature05695 
# 
loop_
_citation_author.citation_id 
_citation_author.name 
_citation_author.ordinal 
_citation_author.identifier_ORCID 
primary 'Sawaya, M.R.'    1  ? 
primary 'Sambashivan, S.' 2  ? 
primary 'Nelson, R.'      3  ? 
primary 'Ivanova, M.I.'   4  ? 
primary 'Sievers, S.A.'   5  ? 
primary 'Apostol, M.I.'   6  ? 
primary 'Thompson, M.J.'  7  ? 
primary 'Balbirnie, M.'   8  ? 
primary 'Wiltzius, J.J.'  9  ? 
primary 'McFarlane, H.T.' 10 ? 
primary 'Madsen, A.O.'    11 ? 
primary 'Riekel, C.'      12 ? 
primary 'Eisenberg, D.'   13 ? 
# 
loop_
_entity.id 
_entity.type 
_entity.src_method 
_entity.pdbx_description 
_entity.formula_weight 
_entity.pdbx_number_of_molecules 
_entity.pdbx_ec 
_entity.pdbx_mutation 
_entity.pdbx_fragment 
_entity.details 
1 polymer syn 'fibril forming peptide from Bovine Pancreatic Ribonuclease (RNase A)' 522.508 1 ? ? 
'hinge loop region (residues 15-20)' ? 
2 water   nat water                                                                  18.015  1 ? ? ? ? 
# 
_entity_poly.entity_id                      1 
_entity_poly.type                           'polypeptide(L)' 
_entity_poly.nstd_linkage                   no 
_entity_poly.nstd_monomer                   no 
_entity_poly.pdbx_seq_one_letter_code       SSTSAA 
_entity_poly.pdbx_seq_one_letter_code_can   SSTSAA 
_entity_poly.pdbx_strand_id                 X 
_entity_poly.pdbx_target_identifier         ? 
# 
_pdbx_entity_nonpoly.entity_id   2 
_pdbx_entity_nonpoly.name        water 
_pdbx_entity_nonpoly.comp_id     HOH 
# 
loop_
_entity_poly_seq.entity_id 
_entity_poly_seq.num 
_entity_poly_seq.mon_id 
_entity_poly_seq.hetero 
1 1 SER n 
1 2 SER n 
1 3 THR n 
1 4 SER n 
1 5 ALA n 
1 6 ALA n 
# 
_pdbx_entity_src_syn.entity_id              1 
_pdbx_entity_src_syn.pdbx_src_id            1 
_pdbx_entity_src_syn.pdbx_alt_source_flag   sample 
_pdbx_entity_src_syn.pdbx_beg_seq_num       ? 
_pdbx_entity_src_syn.pdbx_end_seq_num       ? 
_pdbx_entity_src_syn.organism_scientific    ? 
_pdbx_entity_src_syn.organism_common_name   ? 
_pdbx_entity_src_syn.ncbi_taxonomy_id       ? 
_pdbx_entity_src_syn.details                'The peptide SSTSAA was commercially synthesized.' 
# 
loop_
_chem_comp.id 
_chem_comp.type 
_chem_comp.mon_nstd_flag 
_chem_comp.name 
_chem_comp.pdbx_synonyms 
_chem_comp.formula 
_chem_comp.formula_weight 
ALA 'L-peptide linking' y ALANINE   ? 'C3 H7 N O2' 89.093  
HOH non-polymer         . WATER     ? 'H2 O'       18.015  
SER 'L-peptide linking' y SERINE    ? 'C3 H7 N O3' 105.093 
THR 'L-peptide linking' y THREONINE ? 'C4 H9 N O3' 119.119 
# 
loop_
_pdbx_poly_seq_scheme.asym_id 
_pdbx_poly_seq_scheme.entity_id 
_pdbx_poly_seq_scheme.seq_id 
_pdbx_poly_seq_scheme.mon_id 
_pdbx_poly_seq_scheme.ndb_seq_num 
_pdbx_poly_seq_scheme.pdb_seq_num 
_pdbx_poly_seq_scheme.auth_seq_num 
_pdbx_poly_seq_scheme.pdb_mon_id 
_pdbx_poly_seq_scheme.auth_mon_id 
_pdbx_poly_seq_scheme.pdb_strand_id 
_pdbx_poly_seq_scheme.pdb_ins_code 
_pdbx_poly_seq_scheme.hetero 
A 1 1 SER 1 1 1 SER SER X . n 
A 1 2 SER 2 2 2 SER SER X . n 
A 1 3 THR 3 3 3 THR THR X . n 
A 1 4 SER 4 4 4 SER SER X . n 
A 1 5 ALA 5 5 5 ALA ALA X . n 
A 1 6 ALA 6 6 6 ALA ALA X . n 
# 
_pdbx_nonpoly_scheme.asym_id         B 
_pdbx_nonpoly_scheme.entity_id       2 
_pdbx_nonpoly_scheme.mon_id          HOH 
_pdbx_nonpoly_scheme.ndb_seq_num     1 
_pdbx_nonpoly_scheme.pdb_seq_num     7 
_pdbx_nonpoly_scheme.auth_seq_num    7 
_pdbx_nonpoly_scheme.pdb_mon_id      HOH 
_pdbx_nonpoly_scheme.auth_mon_id     HOH 
_pdbx_nonpoly_scheme.pdb_strand_id   X 
_pdbx_nonpoly_scheme.pdb_ins_code    . 
# 
loop_
_software.name 
_software.version 
_software.date 
_software.type 
_software.contact_author 
_software.contact_author_email 
_software.classification 
_software.location 
_software.language 
_software.citation_id 
_software.pdbx_ordinal 
DENZO       .     ?                package 'Zbyszek Otwinowski' zbyszek@mix.swmed.edu    'data reduction'  
http://www.lnls.br/infra/linhasluz/denzo-hkl.htm ?          ? 1 
SCALEPACK   .     ?                package 'Zbyszek Otwinowski' zbyszek@mix.swmed.edu    'data scaling'    
http://www.lnls.br/infra/linhasluz/denzo-hkl.htm ?          ? 2 
REFMAC      .     ?                program 'Murshudov, G.N.'    ccp4@dl.ac.uk            refinement        
http://www.ccp4.ac.uk/main.html                  Fortran_77 ? 3 
PDB_EXTRACT 2.000 'April. 3, 2006' package PDB                  sw-help@rcsb.rutgers.edu 'data extraction' 
http://pdb.rutgers.edu/software/                 C++        ? 4 
X-PLOR      .     ?                ?       ?                    ?                        phasing           ? ?          ? 5 
# 
_cell.length_a           42.008 
_cell.length_b           4.830 
_cell.length_c           12.888 
_cell.angle_alpha        90.000 
_cell.angle_beta         90.000 
_cell.angle_gamma        90.000 
_cell.entry_id           2ONW 
_cell.pdbx_unique_axis   ? 
_cell.Z_PDB              4 
_cell.length_a_esd       ? 
_cell.length_b_esd       ? 
_cell.length_c_esd       ? 
_cell.angle_alpha_esd    ? 
_cell.angle_beta_esd     ? 
_cell.angle_gamma_esd    ? 
# 
_symmetry.space_group_name_H-M             'P 21 21 21' 
_symmetry.entry_id                         2ONW 
_symmetry.Int_Tables_number                19 
_symmetry.pdbx_full_space_group_name_H-M   ? 
_symmetry.cell_setting                     ? 
_symmetry.space_group_name_Hall            ? 
# 
_exptl.crystals_number   1 
_exptl.entry_id          2ONW 
_exptl.method            'X-RAY DIFFRACTION' 
# 
_exptl_crystal.id                    1 
_exptl_crystal.density_Matthews      ? 
_exptl_crystal.density_meas          ? 
_exptl_crystal.density_percent_sol   ? 
_exptl_crystal.description           ? 
_exptl_crystal.F_000                 ? 
_exptl_crystal.preparation           ? 
# 
_exptl_crystal_grow.crystal_id      1 
_exptl_crystal_grow.method          'VAPOR DIFFUSION, HANGING DROP' 
_exptl_crystal_grow.pH              7.5 
_exptl_crystal_grow.temp            291 
_exptl_crystal_grow.temp_details    ? 
_exptl_crystal_grow.pdbx_details    
;Peptide concentration: 30 mg/ml, Reservoir: 0.1M HEPES-Na, pH 7.5, 10% v/v isopropanol, 20% PEG4000, VAPOR DIFFUSION, HANGING DROP, temperature 291K
;
_exptl_crystal_grow.pdbx_pH_range   . 
# 
_diffrn.id                     1 
_diffrn.ambient_temp           100 
_diffrn.ambient_temp_details   ? 
_diffrn.crystal_id             1 
# 
_diffrn_detector.diffrn_id              1 
_diffrn_detector.detector               CCD 
_diffrn_detector.type                   MARRESEARCH 
_diffrn_detector.pdbx_collection_date   2005-01-01 
_diffrn_detector.details                ? 
# 
_diffrn_radiation.diffrn_id                        1 
_diffrn_radiation.wavelength_id                    1 
_diffrn_radiation.pdbx_diffrn_protocol             'SINGLE WAVELENGTH' 
_diffrn_radiation.monochromator                    ? 
_diffrn_radiation.pdbx_monochromatic_or_laue_m_l   M 
_diffrn_radiation.pdbx_scattering_type             x-ray 
# 
_diffrn_radiation_wavelength.id           1 
_diffrn_radiation_wavelength.wavelength   0.9466 
_diffrn_radiation_wavelength.wt           1.0 
# 
_diffrn_source.diffrn_id                   1 
_diffrn_source.source                      SYNCHROTRON 
_diffrn_source.type                        'ESRF BEAMLINE ID13' 
_diffrn_source.pdbx_wavelength             0.9466 
_diffrn_source.pdbx_wavelength_list        ? 
_diffrn_source.pdbx_synchrotron_site       ESRF 
_diffrn_source.pdbx_synchrotron_beamline   ID13 
# 
_reflns.entry_id                     2ONW 
_reflns.d_resolution_high            1.500 
_reflns.d_resolution_low             80.000 
_reflns.number_obs                   474 
_reflns.pdbx_Rmerge_I_obs            0.174 
_reflns.pdbx_netI_over_sigmaI        3.900 
_reflns.pdbx_chi_squared             1.067 
_reflns.percent_possible_obs         89.300 
_reflns.observed_criterion_sigma_F   ? 
_reflns.observed_criterion_sigma_I   ? 
_reflns.number_all                   ? 
_reflns.pdbx_Rsym_value              ? 
_reflns.B_iso_Wilson_estimate        6.599 
_reflns.pdbx_redundancy              ? 
_reflns.R_free_details               ? 
_reflns.limit_h_max                  ? 
_reflns.limit_h_min                  ? 
_reflns.limit_k_max                  ? 
_reflns.limit_k_min                  ? 
_reflns.limit_l_max                  ? 
_reflns.limit_l_min                  ? 
_reflns.observed_criterion_F_max     ? 
_reflns.observed_criterion_F_min     ? 
_reflns.pdbx_scaling_rejects         ? 
_reflns.pdbx_diffrn_id               1 
_reflns.pdbx_ordinal                 1 
# 
_reflns_shell.d_res_high             1.50 
_reflns_shell.d_res_low              1.62 
_reflns_shell.number_measured_obs    ? 
_reflns_shell.number_measured_all    ? 
_reflns_shell.number_unique_obs      ? 
_reflns_shell.Rmerge_I_obs           0.434 
_reflns_shell.meanI_over_sigI_obs    ? 
_reflns_shell.pdbx_Rsym_value        ? 
_reflns_shell.pdbx_chi_squared       1.084 
_reflns_shell.pdbx_redundancy        ? 
_reflns_shell.percent_possible_obs   ? 
_reflns_shell.number_unique_all      98 
_reflns_shell.percent_possible_all   93.30 
_reflns_shell.pdbx_diffrn_id         ? 
_reflns_shell.pdbx_ordinal           1 
# 
_refine.entry_id                                 2ONW 
_refine.ls_d_res_high                            1.510 
_refine.ls_d_res_low                             21.000 
_refine.pdbx_ls_sigma_F                          0.00 
_refine.ls_percent_reflns_obs                    87.570 
_refine.ls_number_reflns_obs                     458 
_refine.pdbx_ls_cross_valid_method               THROUGHOUT 
_refine.pdbx_R_Free_selection_details            RANDOM 
_refine.details                                  'HYDROGENS HAVE BEEN ADDED IN THE RIDING POSITIONS' 
_refine.ls_R_factor_obs                          0.159 
_refine.ls_R_factor_R_work                       0.157 
_refine.ls_R_factor_R_free                       0.219 
_refine.ls_percent_reflns_R_free                 4.600 
_refine.ls_number_reflns_R_free                  21 
_refine.B_iso_mean                               5.291 
_refine.aniso_B[1][1]                            -0.970 
_refine.aniso_B[2][2]                            -0.020 
_refine.aniso_B[3][3]                            0.990 
_refine.aniso_B[1][2]                            0.000 
_refine.aniso_B[1][3]                            0.000 
_refine.aniso_B[2][3]                            0.000 
_refine.correlation_coeff_Fo_to_Fc               0.973 
_refine.correlation_coeff_Fo_to_Fc_free          0.903 
_refine.pdbx_overall_ESU_R                       0.151 
_refine.pdbx_overall_ESU_R_Free                  0.102 
_refine.overall_SU_ML                            0.040 
_refine.overall_SU_B                             2.481 
_refine.solvent_model_details                    MASK 
_refine.pdbx_solvent_vdw_probe_radii             1.400 
_refine.pdbx_solvent_ion_probe_radii             0.800 
_refine.pdbx_solvent_shrinkage_radii             0.800 
_refine.pdbx_stereochemistry_target_values       'MAXIMUM LIKELIHOOD' 
_refine.pdbx_ls_sigma_I                          ? 
_refine.ls_number_reflns_all                     ? 
_refine.ls_R_factor_all                          ? 
_refine.ls_redundancy_reflns_obs                 ? 
_refine.pdbx_data_cutoff_high_absF               ? 
_refine.pdbx_data_cutoff_low_absF                ? 
_refine.ls_number_parameters                     ? 
_refine.ls_number_restraints                     ? 
_refine.ls_R_factor_R_free_error                 ? 
_refine.ls_R_factor_R_free_error_details         ? 
_refine.pdbx_method_to_determine_struct          'MOLECULAR REPLACEMENT' 
_refine.pdbx_starting_model                      '5 residue beta strand SSTSA with the C-terminal alanine absent' 
_refine.pdbx_stereochem_target_val_spec_case     ? 
_refine.solvent_model_param_bsol                 ? 
_refine.solvent_model_param_ksol                 ? 
_refine.occupancy_max                            ? 
_refine.occupancy_min                            ? 
_refine.pdbx_isotropic_thermal_model             ? 
_refine.B_iso_min                                ? 
_refine.B_iso_max                                ? 
_refine.overall_SU_R_Cruickshank_DPI             ? 
_refine.overall_SU_R_free                        ? 
_refine.pdbx_data_cutoff_high_rms_absF           ? 
_refine.ls_wR_factor_R_free                      ? 
_refine.ls_wR_factor_R_work                      ? 
_refine.overall_FOM_free_R_set                   ? 
_refine.overall_FOM_work_R_set                   ? 
_refine.pdbx_refine_id                           'X-RAY DIFFRACTION' 
_refine.pdbx_diffrn_id                           1 
_refine.pdbx_TLS_residual_ADP_flag               ? 
_refine.pdbx_overall_phase_error                 ? 
_refine.pdbx_overall_SU_R_free_Cruickshank_DPI   ? 
_refine.pdbx_overall_SU_R_Blow_DPI               ? 
_refine.pdbx_overall_SU_R_free_Blow_DPI          ? 
# 
_refine_hist.pdbx_refine_id                   'X-RAY DIFFRACTION' 
_refine_hist.cycle_id                         LAST 
_refine_hist.pdbx_number_atoms_protein        70 
_refine_hist.pdbx_number_atoms_nucleic_acid   0 
_refine_hist.pdbx_number_atoms_ligand         0 
_refine_hist.number_atoms_solvent             3 
_refine_hist.number_atoms_total               73 
_refine_hist.d_res_high                       1.510 
_refine_hist.d_res_low                        21.000 
# 
loop_
_refine_ls_restr.type 
_refine_ls_restr.number 
_refine_ls_restr.dev_ideal 
_refine_ls_restr.dev_ideal_target 
_refine_ls_restr.weight 
_refine_ls_restr.pdbx_refine_id 
_refine_ls_restr.pdbx_restraint_function 
r_bond_refined_d         35 0.004 0.021  ? 'X-RAY DIFFRACTION' ? 
r_bond_other_d           30 0.001 0.020  ? 'X-RAY DIFFRACTION' ? 
r_angle_refined_deg      47 1.087 1.983  ? 'X-RAY DIFFRACTION' ? 
r_angle_other_deg        70 0.693 3.000  ? 'X-RAY DIFFRACTION' ? 
r_dihedral_angle_1_deg   5  5.242 5.000  ? 'X-RAY DIFFRACTION' ? 
r_dihedral_angle_3_deg   4  5.467 15.000 ? 'X-RAY DIFFRACTION' ? 
r_chiral_restr           7  0.064 0.200  ? 'X-RAY DIFFRACTION' ? 
r_gen_planes_refined     39 0.001 0.020  ? 'X-RAY DIFFRACTION' ? 
r_gen_planes_other       5  0.000 0.020  ? 'X-RAY DIFFRACTION' ? 
r_nbd_other              11 0.207 0.200  ? 'X-RAY DIFFRACTION' ? 
r_nbtor_refined          16 0.122 0.200  ? 'X-RAY DIFFRACTION' ? 
r_nbtor_other            23 0.093 0.200  ? 'X-RAY DIFFRACTION' ? 
r_symmetry_vdw_refined   5  0.053 0.200  ? 'X-RAY DIFFRACTION' ? 
r_symmetry_vdw_other     9  0.307 0.200  ? 'X-RAY DIFFRACTION' ? 
r_symmetry_hbond_refined 1  0.060 0.200  ? 'X-RAY DIFFRACTION' ? 
r_mcbond_it              36 0.488 1.500  ? 'X-RAY DIFFRACTION' ? 
r_mcbond_other           14 0.164 1.500  ? 'X-RAY DIFFRACTION' ? 
r_mcangle_it             46 0.615 2.000  ? 'X-RAY DIFFRACTION' ? 
r_scbond_it              5  0.243 3.000  ? 'X-RAY DIFFRACTION' ? 
r_scangle_it             1  0.137 4.500  ? 'X-RAY DIFFRACTION' ? 
r_rigid_bond_restr       71 0.409 3.000  ? 'X-RAY DIFFRACTION' ? 
r_sphericity_free        1  0.344 3.000  ? 'X-RAY DIFFRACTION' ? 
r_sphericity_bonded      66 0.714 3.000  ? 'X-RAY DIFFRACTION' ? 
# 
_refine_ls_shell.d_res_high                       1.510 
_refine_ls_shell.d_res_low                        1.551 
_refine_ls_shell.pdbx_total_number_of_bins_used   20 
_refine_ls_shell.percent_reflns_obs               66.670 
_refine_ls_shell.number_reflns_R_work             25 
_refine_ls_shell.R_factor_all                     ? 
_refine_ls_shell.R_factor_R_work                  0.249 
_refine_ls_shell.R_factor_R_free                  0.723 
_refine_ls_shell.percent_reflns_R_free            ? 
_refine_ls_shell.number_reflns_R_free             1 
_refine_ls_shell.R_factor_R_free_error            ? 
_refine_ls_shell.number_reflns_all                ? 
_refine_ls_shell.number_reflns_obs                26 
_refine_ls_shell.redundancy_reflns_obs            ? 
_refine_ls_shell.pdbx_refine_id                   'X-RAY DIFFRACTION' 
# 
_struct.entry_id                  2ONW 
_struct.title                     
'Structure of SSTSSA, a fibril forming peptide from Bovine Pancreatic Ribonuclease (RNase A, residues 15-20)' 
_struct.pdbx_model_details        ? 
_struct.pdbx_CASP_flag            ? 
_struct.pdbx_model_type_details   ? 
# 
_struct_keywords.entry_id        2ONW 
_struct_keywords.pdbx_keywords   'PROTEIN FIBRIL' 
_struct_keywords.text            'parallel face-to-face-Up/Up beta sheets, steric zipper, PROTEIN FIBRIL' 
# 
loop_
_struct_asym.id 
_struct_asym.pdbx_blank_PDB_chainid_flag 
_struct_asym.pdbx_modified 
_struct_asym.entity_id 
_struct_asym.details 
A N N 1 ? 
B N N 2 ? 
# 
_struct_ref.id                         1 
_struct_ref.entity_id                  1 
_struct_ref.db_name                    PDB 
_struct_ref.db_code                    2ONW 
_struct_ref.pdbx_db_accession          2ONW 
_struct_ref.pdbx_db_isoform            ? 
_struct_ref.pdbx_seq_one_letter_code   ? 
_struct_ref.pdbx_align_begin           ? 
# 
_struct_ref_seq.align_id                      1 
_struct_ref_seq.ref_id                        1 
_struct_ref_seq.pdbx_PDB_id_code              2ONW 
_struct_ref_seq.pdbx_strand_id                X 
_struct_ref_seq.seq_align_beg                 1 
_struct_ref_seq.pdbx_seq_align_beg_ins_code   ? 
_struct_ref_seq.seq_align_end                 6 
_struct_ref_seq.pdbx_seq_align_end_ins_code   ? 
_struct_ref_seq.pdbx_db_accession             2ONW 
_struct_ref_seq.db_align_beg                  1 
_struct_ref_seq.pdbx_db_align_beg_ins_code    ? 
_struct_ref_seq.db_align_end                  6 
_struct_ref_seq.pdbx_db_align_end_ins_code    ? 
_struct_ref_seq.pdbx_auth_seq_align_beg       1 
_struct_ref_seq.pdbx_auth_seq_align_end       6 
# 
_pdbx_struct_assembly.id                   1 
_pdbx_struct_assembly.details              author_defined_assembly 
_pdbx_struct_assembly.method_details       ? 
_pdbx_struct_assembly.oligomeric_details   tetrameric 
_pdbx_struct_assembly.oligomeric_count     4 
# 
_pdbx_struct_assembly_gen.assembly_id       1 
_pdbx_struct_assembly_gen.oper_expression   1,2,3,4 
_pdbx_struct_assembly_gen.asym_id_list      A,B 
# 
loop_
_pdbx_struct_oper_list.id 
_pdbx_struct_oper_list.type 
_pdbx_struct_oper_list.name 
_pdbx_struct_oper_list.symmetry_operation 
_pdbx_struct_oper_list.matrix[1][1] 
_pdbx_struct_oper_list.matrix[1][2] 
_pdbx_struct_oper_list.matrix[1][3] 
_pdbx_struct_oper_list.vector[1] 
_pdbx_struct_oper_list.matrix[2][1] 
_pdbx_struct_oper_list.matrix[2][2] 
_pdbx_struct_oper_list.matrix[2][3] 
_pdbx_struct_oper_list.vector[2] 
_pdbx_struct_oper_list.matrix[3][1] 
_pdbx_struct_oper_list.matrix[3][2] 
_pdbx_struct_oper_list.matrix[3][3] 
_pdbx_struct_oper_list.vector[3] 
1 'identity operation'         1_555 x,y,z             1.0000000000  0.0000000000  0.0000000000 0.0000000000  0.0000000000  1.0000000000  0.0000000000  0.0000000000  0.0000000000 0.0000000000  1.0000000000 0.0000000000  
2 'crystal symmetry operation' 1_565 x,y+1,z           1.0000000000  0.0000000000  0.0000000000 3.3065295998  0.0000000000  1.0000000000  0.0000000000  -0.2109000721 0.0000000000 0.0000000000  1.0000000000 3.5144392391  
3 'crystal symmetry operation' 3_655 -x+1,y+1/2,-z+1/2 -0.0626957984 -0.0597839873 0.9962404889 9.1823001091  -0.0597839873 -0.9961868035 -0.0635431151 2.2867499708  0.9962404889 -0.0635431151 0.0588826019 -5.1828528341 
4 'crystal symmetry operation' 3_665 -x+1,y+3/2,-z+1/2 -0.0626957984 -0.0597839873 0.9962404889 12.4888297088 -0.0597839873 -0.9961868035 -0.0635431151 2.0758498986  0.9962404889 -0.0635431151 0.0588826019 -1.6684135950 
# 
_struct_biol.id                    1 
_struct_biol.details               
;The biological unit is a pair of sheets. Each sheet is comprised of beta strands generated by unit cell translations along the y-axis. The second sheet in the pair-of-sheet structures is generated by applying the operator -x+1, y+1/2, -z+1/2. In the second sheet also, beta strands are generated by unit cell translations along the y-axis.
;
_struct_biol.pdbx_parent_biol_id   ? 
# 
loop_
_chem_comp_atom.comp_id 
_chem_comp_atom.atom_id 
_chem_comp_atom.type_symbol 
_chem_comp_atom.pdbx_aromatic_flag 
_chem_comp_atom.pdbx_stereo_config 
_chem_comp_atom.pdbx_ordinal 
ALA N    N N N 1  
ALA CA   C N S 2  
ALA C    C N N 3  
ALA O    O N N 4  
ALA CB   C N N 5  
ALA OXT  O N N 6  
ALA H    H N N 7  
ALA H2   H N N 8  
ALA HA   H N N 9  
ALA HB1  H N N 10 
ALA HB2  H N N 11 
ALA HB3  H N N 12 
ALA HXT  H N N 13 
HOH O    O N N 14 
HOH H1   H N N 15 
HOH H2   H N N 16 
SER N    N N N 17 
SER CA   C N S 18 
SER C    C N N 19 
SER O    O N N 20 
SER CB   C N N 21 
SER OG   O N N 22 
SER OXT  O N N 23 
SER H    H N N 24 
SER H2   H N N 25 
SER HA   H N N 26 
SER HB2  H N N 27 
SER HB3  H N N 28 
SER HG   H N N 29 
SER HXT  H N N 30 
THR N    N N N 31 
THR CA   C N S 32 
THR C    C N N 33 
THR O    O N N 34 
THR CB   C N R 35 
THR OG1  O N N 36 
THR CG2  C N N 37 
THR OXT  O N N 38 
THR H    H N N 39 
THR H2   H N N 40 
THR HA   H N N 41 
THR HB   H N N 42 
THR HG1  H N N 43 
THR HG21 H N N 44 
THR HG22 H N N 45 
THR HG23 H N N 46 
THR HXT  H N N 47 
# 
loop_
_chem_comp_bond.comp_id 
_chem_comp_bond.atom_id_1 
_chem_comp_bond.atom_id_2 
_chem_comp_bond.value_order 
_chem_comp_bond.pdbx_aromatic_flag 
_chem_comp_bond.pdbx_stereo_config 
_chem_comp_bond.pdbx_ordinal 
ALA N   CA   sing N N 1  
ALA N   H    sing N N 2  
ALA N   H2   sing N N 3  
ALA CA  C    sing N N 4  
ALA CA  CB   sing N N 5  
ALA CA  HA   sing N N 6  
ALA C   O    doub N N 7  
ALA C   OXT  sing N N 8  
ALA CB  HB1  sing N N 9  
ALA CB  HB2  sing N N 10 
ALA CB  HB3  sing N N 11 
ALA OXT HXT  sing N N 12 
HOH O   H1   sing N N 13 
HOH O   H2   sing N N 14 
SER N   CA   sing N N 15 
SER N   H    sing N N 16 
SER N   H2   sing N N 17 
SER CA  C    sing N N 18 
SER CA  CB   sing N N 19 
SER CA  HA   sing N N 20 
SER C   O    doub N N 21 
SER C   OXT  sing N N 22 
SER CB  OG   sing N N 23 
SER CB  HB2  sing N N 24 
SER CB  HB3  sing N N 25 
SER OG  HG   sing N N 26 
SER OXT HXT  sing N N 27 
THR N   CA   sing N N 28 
THR N   H    sing N N 29 
THR N   H2   sing N N 30 
THR CA  C    sing N N 31 
THR CA  CB   sing N N 32 
THR CA  HA   sing N N 33 
THR C   O    doub N N 34 
THR C   OXT  sing N N 35 
THR CB  OG1  sing N N 36 
THR CB  CG2  sing N N 37 
THR CB  HB   sing N N 38 
THR OG1 HG1  sing N N 39 
THR CG2 HG21 sing N N 40 
THR CG2 HG22 sing N N 41 
THR CG2 HG23 sing N N 42 
THR OXT HXT  sing N N 43 
# 
_pdbx_initial_refinement_model.accession_code   ? 
_pdbx_initial_refinement_model.id               1 
_pdbx_initial_refinement_model.entity_id_list   ? 
_pdbx_initial_refinement_model.type             'in silico model' 
_pdbx_initial_refinement_model.source_name      Other 
_pdbx_initial_refinement_model.details          '5-residue beta strand SSTSA with the C-terminal alanine absent' 
# 
_atom_sites.entry_id                    2ONW 
_atom_sites.fract_transf_matrix[1][1]   0.01502648 
_atom_sites.fract_transf_matrix[1][2]   0.01272901 
_atom_sites.fract_transf_matrix[1][3]   -0.01337367 
_atom_sites.fract_transf_matrix[2][1]   0.14173511 
_atom_sites.fract_transf_matrix[2][2]   -0.00904028 
_atom_sites.fract_transf_matrix[2][3]   0.15064720 
_atom_sites.fract_transf_matrix[3][1]   0.02828585 
_atom_sites.fract_transf_matrix[3][2]   -0.06547992 
_atom_sites.fract_transf_matrix[3][3]   -0.03054192 
_atom_sites.fract_transf_vector[1]      0.381800 
_atom_sites.fract_transf_vector[2]      0.509626 
_atom_sites.fract_transf_vector[3]      0.115858 
# 
loop_
_atom_type.symbol 
C 
H 
N 
O 
# 
loop_
_atom_site.group_PDB 
_atom_site.id 
_atom_site.type_symbol 
_atom_site.label_atom_id 
_atom_site.label_alt_id 
_atom_site.label_comp_id 
_atom_site.label_asym_id 
_atom_site.label_entity_id 
_atom_site.label_seq_id 
_atom_site.pdbx_PDB_ins_code 
_atom_site.Cartn_x 
_atom_site.Cartn_y 
_atom_site.Cartn_z 
_atom_site.occupancy 
_atom_site.B_iso_or_equiv 
_atom_site.pdbx_formal_charge 
_atom_site.auth_seq_id 
_atom_site.auth_comp_id 
_atom_site.auth_asym_id 
_atom_site.auth_atom_id 
_atom_site.pdbx_PDB_model_num 
ATOM   1  N N    . SER A 1 1 ? -5.886 -6.104 4.716  1.00 6.42  ? 1 SER X N    1 
ATOM   2  C CA   . SER A 1 1 ? -4.430 -5.922 4.440  1.00 6.20  ? 1 SER X CA   1 
ATOM   3  C C    . SER A 1 1 ? -4.221 -5.022 3.227  1.00 5.97  ? 1 SER X C    1 
ATOM   4  O O    . SER A 1 1 ? -5.117 -4.880 2.398  1.00 5.90  ? 1 SER X O    1 
ATOM   5  C CB   . SER A 1 1 ? -3.751 -7.275 4.211  1.00 6.34  ? 1 SER X CB   1 
ATOM   6  O OG   . SER A 1 1 ? -4.380 -7.990 3.161  1.00 6.40  ? 1 SER X OG   1 
ATOM   7  H H1   . SER A 1 1 ? -6.173 -6.966 4.406  1.00 6.43  ? 1 SER X H1   1 
ATOM   8  H H2   . SER A 1 1 ? -6.040 -6.037 5.660  1.00 6.42  ? 1 SER X H2   1 
ATOM   9  H H3   . SER A 1 1 ? -6.391 -5.421 4.268  1.00 6.44  ? 1 SER X H3   1 
ATOM   10 H HA   . SER A 1 1 ? -4.018 -5.493 5.216  1.00 6.27  ? 1 SER X HA   1 
ATOM   11 H HB2  . SER A 1 1 ? -2.822 -7.126 3.978  1.00 6.40  ? 1 SER X HB2  1 
ATOM   12 H HB3  . SER A 1 1 ? -3.808 -7.798 5.025  1.00 6.39  ? 1 SER X HB3  1 
ATOM   13 H HG   . SER A 1 1 ? -4.516 -8.779 3.364  0.00 6.62  ? 1 SER X HG   1 
ATOM   14 N N    . SER A 1 2 ? -3.040 -4.417 3.120  1.00 5.62  ? 2 SER X N    1 
ATOM   15 C CA   . SER A 1 2 ? -2.776 -3.479 2.030  1.00 5.56  ? 2 SER X CA   1 
ATOM   16 C C    . SER A 1 2 ? -1.299 -3.360 1.659  1.00 5.33  ? 2 SER X C    1 
ATOM   17 O O    . SER A 1 2 ? -0.415 -3.632 2.470  1.00 5.25  ? 2 SER X O    1 
ATOM   18 C CB   . SER A 1 2 ? -3.336 -2.096 2.380  1.00 5.69  ? 2 SER X CB   1 
ATOM   19 O OG   . SER A 1 2 ? -2.708 -1.560 3.531  1.00 5.61  ? 2 SER X OG   1 
ATOM   20 H H    . SER A 1 2 ? -2.383 -4.530 3.662  1.00 5.66  ? 2 SER X H    1 
ATOM   21 H HA   . SER A 1 2 ? -3.246 -3.794 1.233  1.00 5.52  ? 2 SER X HA   1 
ATOM   22 H HB2  . SER A 1 2 ? -3.186 -1.497 1.632  1.00 5.62  ? 2 SER X HB2  1 
ATOM   23 H HB3  . SER A 1 2 ? -4.288 -2.176 2.552  1.00 5.58  ? 2 SER X HB3  1 
ATOM   24 H HG   . SER A 1 2 ? -2.596 -0.705 3.345  0.00 5.58  ? 2 SER X HG   1 
ATOM   25 N N    . THR A 1 3 ? -1.056 -2.964 0.411  1.00 5.17  ? 3 THR X N    1 
ATOM   26 C CA   . THR A 1 3 ? 0.275  -2.614 -0.077 1.00 5.09  ? 3 THR X CA   1 
ATOM   27 C C    . THR A 1 3 ? 0.143  -1.300 -0.846 1.00 4.90  ? 3 THR X C    1 
ATOM   28 O O    . THR A 1 3 ? -0.689 -1.198 -1.744 1.00 4.88  ? 3 THR X O    1 
ATOM   29 C CB   . THR A 1 3 ? 0.846  -3.709 -1.005 1.00 5.12  ? 3 THR X CB   1 
ATOM   30 O OG1  . THR A 1 3 ? 0.780  -4.981 -0.348 1.00 5.25  ? 3 THR X OG1  1 
ATOM   31 C CG2  . THR A 1 3 ? 2.296  -3.410 -1.377 1.00 5.30  ? 3 THR X CG2  1 
ATOM   32 H H    . THR A 1 3 ? -1.667 -2.892 -0.190 1.00 5.11  ? 3 THR X H    1 
ATOM   33 H HA   . THR A 1 3 ? 0.889  -2.489 0.672  1.00 5.04  ? 3 THR X HA   1 
ATOM   34 H HB   . THR A 1 3 ? 0.321  -3.743 -1.821 1.00 5.12  ? 3 THR X HB   1 
ATOM   35 H HG1  . THR A 1 3 ? 0.087  -5.341 -0.529 0.00 5.84  ? 3 THR X HG1  1 
ATOM   36 H HG21 . THR A 1 3 ? 2.394  -2.497 -1.652 1.00 5.44  ? 3 THR X HG21 1 
ATOM   37 H HG22 . THR A 1 3 ? 2.570  -3.980 -2.099 1.00 5.47  ? 3 THR X HG22 1 
ATOM   38 H HG23 . THR A 1 3 ? 2.865  -3.571 -0.623 1.00 5.44  ? 3 THR X HG23 1 
ATOM   39 N N    . SER A 1 4 ? 0.948  -0.296 -0.500 1.00 4.82  ? 4 SER X N    1 
ATOM   40 C CA   . SER A 1 4 ? 0.780  1.040  -1.087 1.00 4.89  ? 4 SER X CA   1 
ATOM   41 C C    . SER A 1 4 ? 2.074  1.842  -1.232 1.00 4.71  ? 4 SER X C    1 
ATOM   42 O O    . SER A 1 4 ? 3.004  1.687  -0.447 1.00 4.43  ? 4 SER X O    1 
ATOM   43 C CB   . SER A 1 4 ? -0.227 1.847  -0.266 1.00 5.10  ? 4 SER X CB   1 
ATOM   44 O OG   . SER A 1 4 ? 0.124  1.850  1.107  1.00 5.43  ? 4 SER X OG   1 
ATOM   45 H H    . SER A 1 4 ? 1.594  -0.356 0.066  1.00 4.83  ? 4 SER X H    1 
ATOM   46 H HA   . SER A 1 4 ? 0.409  0.935  -1.984 1.00 4.83  ? 4 SER X HA   1 
ATOM   47 H HB2  . SER A 1 4 ? -0.241 2.762  -0.588 1.00 5.17  ? 4 SER X HB2  1 
ATOM   48 H HB3  . SER A 1 4 ? -1.107 1.449  -0.366 1.00 5.12  ? 4 SER X HB3  1 
ATOM   49 H HG   . SER A 1 4 ? 0.184  2.609  1.402  0.00 7.36  ? 4 SER X HG   1 
ATOM   50 N N    . ALA A 1 5 ? 2.103  2.709  -2.244 1.00 4.69  ? 5 ALA X N    1 
ATOM   51 C CA   . ALA A 1 5 ? 3.244  3.586  -2.506 1.00 5.26  ? 5 ALA X CA   1 
ATOM   52 C C    . ALA A 1 5 ? 2.751  4.953  -2.980 1.00 5.68  ? 5 ALA X C    1 
ATOM   53 O O    . ALA A 1 5 ? 1.871  5.029  -3.834 1.00 5.54  ? 5 ALA X O    1 
ATOM   54 C CB   . ALA A 1 5 ? 4.158  2.961  -3.550 1.00 4.96  ? 5 ALA X CB   1 
ATOM   55 H H    . ALA A 1 5 ? 1.460  2.810  -2.806 1.00 4.60  ? 5 ALA X H    1 
ATOM   56 H HA   . ALA A 1 5 ? 3.758  3.708  -1.685 1.00 4.95  ? 5 ALA X HA   1 
ATOM   57 H HB1  . ALA A 1 5 ? 4.468  2.113  -3.226 1.00 4.89  ? 5 ALA X HB1  1 
ATOM   58 H HB2  . ALA A 1 5 ? 4.904  3.546  -3.702 1.00 4.89  ? 5 ALA X HB2  1 
ATOM   59 H HB3  . ALA A 1 5 ? 3.664  2.841  -4.365 1.00 4.87  ? 5 ALA X HB3  1 
ATOM   60 N N    . ALA A 1 6 ? 3.310  6.028  -2.426 1.00 6.58  ? 6 ALA X N    1 
ATOM   61 C CA   . ALA A 1 6 ? 2.907  7.389  -2.799 1.00 7.06  ? 6 ALA X CA   1 
ATOM   62 C C    . ALA A 1 6 ? 4.108  8.308  -2.983 1.00 7.96  ? 6 ALA X C    1 
ATOM   63 O O    . ALA A 1 6 ? 3.991  9.387  -3.565 1.00 8.31  ? 6 ALA X O    1 
ATOM   64 C CB   . ALA A 1 6 ? 1.962  7.964  -1.759 1.00 7.51  ? 6 ALA X CB   1 
ATOM   65 O OXT  . ALA A 1 6 ? 5.220  8.002  -2.555 1.00 8.36  ? 6 ALA X OXT  1 
ATOM   66 H H    . ALA A 1 6 ? 3.926  6.000  -1.826 1.00 6.53  ? 6 ALA X H    1 
ATOM   67 H HA   . ALA A 1 6 ? 2.427  7.369  -3.652 1.00 7.48  ? 6 ALA X HA   1 
ATOM   68 H HB1  . ALA A 1 6 ? 1.200  7.388  -1.676 1.00 7.45  ? 6 ALA X HB1  1 
ATOM   69 H HB2  . ALA A 1 6 ? 1.682  8.838  -2.043 1.00 7.44  ? 6 ALA X HB2  1 
ATOM   70 H HB3  . ALA A 1 6 ? 2.422  8.024  -0.918 1.00 7.45  ? 6 ALA X HB3  1 
HETATM 71 O O    . HOH B 2 . ? -1.756 -6.033 -0.790 1.00 6.13  ? 7 HOH X O    1 
HETATM 72 H H1   . HOH B 2 . ? -2.218 -6.036 -0.142 0.00 35.18 ? 7 HOH X H1   1 
HETATM 73 H H2   . HOH B 2 . ? -1.956 -6.356 -1.661 0.00 35.18 ? 7 HOH X H2   1 
# 
loop_
_atom_site_anisotrop.id 
_atom_site_anisotrop.type_symbol 
_atom_site_anisotrop.pdbx_label_atom_id 
_atom_site_anisotrop.pdbx_label_alt_id 
_atom_site_anisotrop.pdbx_label_comp_id 
_atom_site_anisotrop.pdbx_label_asym_id 
_atom_site_anisotrop.pdbx_label_seq_id 
_atom_site_anisotrop.pdbx_PDB_ins_code 
_atom_site_anisotrop.U[1][1] 
_atom_site_anisotrop.U[2][2] 
_atom_site_anisotrop.U[3][3] 
_atom_site_anisotrop.U[1][2] 
_atom_site_anisotrop.U[1][3] 
_atom_site_anisotrop.U[2][3] 
_atom_site_anisotrop.pdbx_auth_seq_id 
_atom_site_anisotrop.pdbx_auth_comp_id 
_atom_site_anisotrop.pdbx_auth_asym_id 
_atom_site_anisotrop.pdbx_auth_atom_id 
1  N N    . SER A 1 ? 0.0822 0.0806 0.0812 0.0004  -0.0015 -0.0023 1 SER X N    
2  C CA   . SER A 1 ? 0.0783 0.0798 0.0776 -0.0005 -0.0021 -0.0022 1 SER X CA   
3  C C    . SER A 1 ? 0.0738 0.0782 0.0745 0.0000  -0.0027 -0.0032 1 SER X C    
4  O O    . SER A 1 ? 0.0725 0.0770 0.0744 0.0003  -0.0027 -0.0046 1 SER X O    
5  C CB   . SER A 1 ? 0.0800 0.0810 0.0796 0.0003  -0.0019 -0.0029 1 SER X CB   
6  O OG   . SER A 1 ? 0.0819 0.0809 0.0803 -0.0005 -0.0022 -0.0030 1 SER X OG   
7  H H1   . SER A 1 ? 0.0821 0.0812 0.0809 0.0002  -0.0015 -0.0022 1 SER X H1   
8  H H2   . SER A 1 ? 0.0823 0.0812 0.0803 0.0004  -0.0014 -0.0020 1 SER X H2   
9  H H3   . SER A 1 ? 0.0822 0.0813 0.0811 0.0004  -0.0013 -0.0020 1 SER X H3   
10 H HA   . SER A 1 ? 0.0793 0.0798 0.0788 0.0002  -0.0021 -0.0032 1 SER X HA   
11 H HB2  . SER A 1 ? 0.0815 0.0810 0.0805 0.0002  -0.0017 -0.0023 1 SER X HB2  
12 H HB3  . SER A 1 ? 0.0815 0.0810 0.0803 0.0003  -0.0017 -0.0021 1 SER X HB3  
13 H HG   . SER A 1 ? 0.0838 0.0838 0.0838 0.0000  0.0000  0.0000  1 SER X HG   
14 N N    . SER A 2 ? 0.0667 0.0773 0.0696 -0.0008 -0.0037 -0.0020 2 SER X N    
15 C CA   . SER A 2 ? 0.0651 0.0772 0.0688 -0.0014 -0.0042 -0.0014 2 SER X CA   
16 C C    . SER A 2 ? 0.0615 0.0761 0.0649 -0.0026 -0.0052 0.0005  2 SER X C    
17 O O    . SER A 2 ? 0.0597 0.0755 0.0639 -0.0024 -0.0053 0.0012  2 SER X O    
18 C CB   . SER A 2 ? 0.0670 0.0786 0.0704 -0.0012 -0.0040 -0.0008 2 SER X CB   
19 O OG   . SER A 2 ? 0.0672 0.0765 0.0693 -0.0014 -0.0040 -0.0014 2 SER X OG   
20 H H    . SER A 2 ? 0.0682 0.0762 0.0705 -0.0005 -0.0031 -0.0029 2 SER X H    
21 H HA   . SER A 2 ? 0.0644 0.0772 0.0679 -0.0014 -0.0042 -0.0007 2 SER X HA   
22 H HB2  . SER A 2 ? 0.0675 0.0763 0.0696 -0.0012 -0.0032 0.0004  2 SER X HB2  
23 H HB3  . SER A 2 ? 0.0650 0.0767 0.0700 -0.0013 -0.0028 -0.0003 2 SER X HB3  
24 H HG   . SER A 2 ? 0.0706 0.0706 0.0706 0.0000  0.0000  0.0000  2 SER X HG   
25 N N    . THR A 3 ? 0.0598 0.0732 0.0634 -0.0038 -0.0057 0.0019  3 THR X N    
26 C CA   . THR A 3 ? 0.0611 0.0699 0.0622 -0.0037 -0.0052 0.0019  3 THR X CA   
27 C C    . THR A 3 ? 0.0599 0.0664 0.0598 -0.0042 -0.0059 0.0021  3 THR X C    
28 O O    . THR A 3 ? 0.0609 0.0655 0.0589 -0.0048 -0.0066 0.0031  3 THR X O    
29 C CB   . THR A 3 ? 0.0616 0.0696 0.0633 -0.0036 -0.0046 0.0024  3 THR X CB   
30 O OG1  . THR A 3 ? 0.0637 0.0701 0.0658 -0.0028 -0.0028 0.0008  3 THR X OG1  
31 C CG2  . THR A 3 ? 0.0626 0.0727 0.0661 -0.0030 -0.0034 0.0009  3 THR X CG2  
32 H H    . THR A 3 ? 0.0594 0.0721 0.0625 -0.0030 -0.0054 0.0018  3 THR X H    
33 H HA   . THR A 3 ? 0.0601 0.0695 0.0616 -0.0038 -0.0053 0.0023  3 THR X HA   
34 H HB   . THR A 3 ? 0.0623 0.0686 0.0635 -0.0027 -0.0035 0.0015  3 THR X HB   
35 H HG1  . THR A 3 ? 0.0740 0.0740 0.0740 0.0000  0.0000  0.0000  3 THR X HG1  
36 H HG21 . THR A 3 ? 0.0679 0.0693 0.0691 -0.0013 -0.0009 0.0006  3 THR X HG21 
37 H HG22 . THR A 3 ? 0.0678 0.0711 0.0688 -0.0012 -0.0011 -0.0001 3 THR X HG22 
38 H HG23 . THR A 3 ? 0.0672 0.0709 0.0684 -0.0011 -0.0018 0.0004  3 THR X HG23 
39 N N    . SER A 4 ? 0.0604 0.0648 0.0580 -0.0047 -0.0058 0.0023  4 SER X N    
40 C CA   . SER A 4 ? 0.0620 0.0644 0.0592 -0.0044 -0.0047 0.0012  4 SER X CA   
41 C C    . SER A 4 ? 0.0609 0.0606 0.0572 -0.0038 -0.0044 0.0002  4 SER X C    
42 O O    . SER A 4 ? 0.0568 0.0575 0.0539 -0.0043 -0.0052 0.0007  4 SER X O    
43 C CB   . SER A 4 ? 0.0662 0.0652 0.0621 -0.0034 -0.0039 0.0010  4 SER X CB   
44 O OG   . SER A 4 ? 0.0721 0.0709 0.0631 -0.0028 -0.0022 -0.0003 4 SER X OG   
45 H H    . SER A 4 ? 0.0613 0.0635 0.0584 -0.0041 -0.0055 0.0020  4 SER X H    
46 H HA   . SER A 4 ? 0.0619 0.0627 0.0585 -0.0041 -0.0045 0.0011  4 SER X HA   
47 H HB2  . SER A 4 ? 0.0668 0.0664 0.0630 -0.0027 -0.0025 0.0006  4 SER X HB2  
48 H HB3  . SER A 4 ? 0.0648 0.0667 0.0630 -0.0038 -0.0029 0.0006  4 SER X HB3  
49 H HG   . SER A 4 ? 0.0931 0.0931 0.0931 0.0000  0.0000  0.0000  4 SER X HG   
50 N N    . ALA A 5 ? 0.0608 0.0610 0.0564 -0.0036 -0.0049 0.0004  5 ALA X N    
51 C CA   . ALA A 5 ? 0.0671 0.0691 0.0636 -0.0033 -0.0048 0.0000  5 ALA X CA   
52 C C    . ALA A 5 ? 0.0734 0.0724 0.0700 -0.0020 -0.0048 0.0011  5 ALA X C    
53 O O    . ALA A 5 ? 0.0723 0.0711 0.0669 -0.0025 -0.0068 0.0005  5 ALA X O    
54 C CB   . ALA A 5 ? 0.0636 0.0650 0.0599 -0.0027 -0.0052 -0.0005 5 ALA X CB   
55 H H    . ALA A 5 ? 0.0588 0.0599 0.0560 -0.0033 -0.0046 0.0000  5 ALA X H    
56 H HA   . ALA A 5 ? 0.0636 0.0645 0.0597 -0.0028 -0.0049 -0.0001 5 ALA X HA   
57 H HB1  . ALA A 5 ? 0.0623 0.0636 0.0598 -0.0020 -0.0030 -0.0003 5 ALA X HB1  
58 H HB2  . ALA A 5 ? 0.0620 0.0636 0.0600 -0.0023 -0.0031 -0.0002 5 ALA X HB2  
59 H HB3  . ALA A 5 ? 0.0619 0.0636 0.0595 -0.0019 -0.0033 -0.0001 5 ALA X HB3  
60 N N    . ALA A 6 ? 0.0852 0.0818 0.0829 -0.0023 -0.0066 0.0007  6 ALA X N    
61 C CA   . ALA A 6 ? 0.0918 0.0847 0.0915 -0.0007 -0.0059 0.0018  6 ALA X CA   
62 C C    . ALA A 6 ? 0.1023 0.0954 0.1046 -0.0004 -0.0060 0.0016  6 ALA X C    
63 O O    . ALA A 6 ? 0.1064 0.0998 0.1093 -0.0007 -0.0062 0.0032  6 ALA X O    
64 C CB   . ALA A 6 ? 0.0970 0.0905 0.0976 -0.0007 -0.0048 0.0017  6 ALA X CB   
65 O OXT  . ALA A 6 ? 0.1068 0.0997 0.1109 -0.0007 -0.0067 0.0023  6 ALA X OXT  
66 H H    . ALA A 6 ? 0.0847 0.0812 0.0819 -0.0014 -0.0057 0.0008  6 ALA X H    
67 H HA   . ALA A 6 ? 0.0964 0.0908 0.0970 -0.0008 -0.0054 0.0016  6 ALA X HA   
68 H HB1  . ALA A 6 ? 0.0953 0.0917 0.0960 -0.0001 -0.0033 0.0011  6 ALA X HB1  
69 H HB2  . ALA A 6 ? 0.0955 0.0913 0.0959 0.0003  -0.0034 0.0010  6 ALA X HB2  
70 H HB3  . ALA A 6 ? 0.0957 0.0921 0.0951 0.0001  -0.0040 0.0008  6 ALA X HB3  
71 O O    . HOH B . ? 0.0781 0.0744 0.0801 0.0008  -0.0002 0.0004  7 HOH X O    
72 H H1   . HOH B . ? 0.4456 0.4456 0.4456 0.0000  0.0000  0.0000  7 HOH X H1   
73 H H2   . HOH B . ? 0.4456 0.4456 0.4456 0.0000  0.0000  0.0000  7 HOH X H2   
# 
